data_5AQK
#
_entry.id   5AQK
#
_cell.length_a   115.003
_cell.length_b   39.894
_cell.length_c   127.514
_cell.angle_alpha   90.00
_cell.angle_beta   115.05
_cell.angle_gamma   90.00
#
_symmetry.space_group_name_H-M   'C 1 2 1'
#
loop_
_entity.id
_entity.type
_entity.pdbx_description
1 polymer 'HEAT SHOCK COGNATE 71 KDA PROTEIN'
2 polymer 'BAG FAMILY MOLECULAR CHAPERONE REGULATOR 1'
3 non-polymer "GUANOSINE-5'-DIPHOSPHATE"
4 non-polymer GLYCEROL
5 non-polymer 2-AMINO-2-HYDROXYMETHYL-PROPANE-1,3-DIOL
6 non-polymer 'DIMETHYL SULFOXIDE'
7 water water
#
loop_
_entity_poly.entity_id
_entity_poly.type
_entity_poly.pdbx_seq_one_letter_code
_entity_poly.pdbx_strand_id
1 'polypeptide(L)'
;GPLGSMSKGPAVGIDLGTTYSCVGVFQHGKVEIIANDQGNRTTPSYVAFTDTERLIGDAAKNQVAMNPTNTVFDAKRLIG
RRFDDAVVQSDMKHWPFMVVNDAGRPKVQVEYKGETKSFYPEEVSSMVLTKMKEIAEAYLGKTVTNAVVTVPAYFNDSQR
QATKDAGTIAGLNVLRIINEPTAAAIAYGLDKKVGAERNVLIFDLGGGTFDVSILTIEDGIFEVKSTAGDTHLGGEDFDN
RMVNHFIAEFKRKHKKDISENKRAVRRLRTACERAKRTLSSSTQASIEIDSLYEGIDFYTSITRARFEELNADLFRGTLD
PVEKALRDAKLDKSQIHDIVLVGGSTRIPKIQKLLQDFFNGKELNKSINPDEAVAYGAAVQAAILS
;
A
2 'polypeptide(L)'
;GPLGSNSPQEEVELKKLKHLEKSVEKIADQLEELNKELTGIQQGFLPKDLQAEALCKLDRRVKATIEQFMKILEEIDTLI
LPENFKDSRLKRKGLVKKVQAFLAECDTVEQNICQETE
;
B
#
loop_
_chem_comp.id
_chem_comp.type
_chem_comp.name
_chem_comp.formula
DMS non-polymer 'DIMETHYL SULFOXIDE' 'C2 H6 O S'
GDP RNA linking GUANOSINE-5'-DIPHOSPHATE 'C10 H15 N5 O11 P2'
GOL non-polymer GLYCEROL 'C3 H8 O3'
TRS non-polymer 2-AMINO-2-HYDROXYMETHYL-PROPANE-1,3-DIOL 'C4 H12 N O3 1'
#
# COMPACT_ATOMS: atom_id res chain seq x y z
N GLY A 9 -6.48 -4.23 29.26
CA GLY A 9 -5.51 -3.81 28.25
C GLY A 9 -5.12 -2.34 28.23
N PRO A 10 -3.96 -2.01 27.62
CA PRO A 10 -3.52 -0.62 27.60
C PRO A 10 -4.21 0.23 26.52
N ALA A 11 -3.70 1.44 26.28
CA ALA A 11 -4.25 2.31 25.23
C ALA A 11 -3.30 2.33 24.07
N VAL A 12 -3.83 2.28 22.84
CA VAL A 12 -2.99 2.23 21.64
C VAL A 12 -3.13 3.50 20.81
N GLY A 13 -2.21 3.67 19.87
CA GLY A 13 -2.26 4.78 18.93
C GLY A 13 -2.46 4.18 17.56
N ILE A 14 -3.52 4.57 16.86
CA ILE A 14 -3.80 4.04 15.54
C ILE A 14 -3.74 5.10 14.45
N ASP A 15 -2.91 4.84 13.44
CA ASP A 15 -2.80 5.74 12.33
C ASP A 15 -3.72 5.12 11.28
N LEU A 16 -4.86 5.76 11.05
CA LEU A 16 -5.82 5.26 10.08
C LEU A 16 -5.47 5.96 8.78
N GLY A 17 -4.80 5.20 7.91
CA GLY A 17 -4.29 5.67 6.63
C GLY A 17 -5.18 5.42 5.45
N THR A 18 -4.90 6.14 4.36
CA THR A 18 -5.67 5.99 3.12
C THR A 18 -5.47 4.58 2.59
N THR A 19 -4.19 4.16 2.43
CA THR A 19 -3.88 2.84 1.87
C THR A 19 -3.36 1.87 2.93
N TYR A 20 -2.62 2.38 3.92
CA TYR A 20 -2.10 1.52 5.00
C TYR A 20 -2.35 2.11 6.38
N SER A 21 -2.73 1.25 7.34
CA SER A 21 -2.96 1.61 8.74
C SER A 21 -1.88 0.97 9.64
N CYS A 22 -1.61 1.60 10.77
CA CYS A 22 -0.53 1.18 11.63
C CYS A 22 -0.92 1.35 13.11
N VAL A 23 -0.65 0.35 13.96
CA VAL A 23 -0.97 0.42 15.40
C VAL A 23 0.30 0.24 16.26
N GLY A 24 0.41 1.08 17.27
CA GLY A 24 1.53 1.06 18.20
C GLY A 24 1.09 1.15 19.64
N VAL A 25 1.98 0.74 20.54
CA VAL A 25 1.71 0.84 21.97
C VAL A 25 2.96 1.28 22.73
N PHE A 26 2.79 2.14 23.72
CA PHE A 26 3.90 2.57 24.57
C PHE A 26 3.87 1.65 25.78
N GLN A 27 4.98 0.95 26.00
CA GLN A 27 5.15 0.04 27.11
C GLN A 27 6.63 -0.13 27.37
N HIS A 28 7.00 -0.30 28.64
CA HIS A 28 8.38 -0.49 29.06
C HIS A 28 9.32 0.64 28.62
N GLY A 29 8.82 1.87 28.67
CA GLY A 29 9.56 3.06 28.28
C GLY A 29 9.85 3.16 26.79
N LYS A 30 9.15 2.36 25.95
CA LYS A 30 9.35 2.35 24.50
C LYS A 30 8.06 2.15 23.69
N VAL A 31 8.09 2.58 22.42
CA VAL A 31 6.98 2.41 21.47
C VAL A 31 7.22 1.15 20.67
N GLU A 32 6.21 0.28 20.68
CA GLU A 32 6.23 -0.93 19.89
C GLU A 32 5.20 -0.77 18.80
N ILE A 33 5.60 -0.96 17.56
CA ILE A 33 4.70 -0.91 16.42
C ILE A 33 4.33 -2.37 16.24
N ILE A 34 3.05 -2.66 16.35
CA ILE A 34 2.56 -4.03 16.31
C ILE A 34 2.31 -4.69 14.96
N ALA A 35 3.03 -5.78 14.72
CA ALA A 35 2.88 -6.53 13.48
C ALA A 35 1.58 -7.34 13.50
N ASN A 36 0.94 -7.41 12.34
CA ASN A 36 -0.32 -8.14 12.15
C ASN A 36 -0.10 -9.65 12.00
N ASP A 37 -1.19 -10.40 11.70
CA ASP A 37 -1.23 -11.85 11.53
C ASP A 37 -0.30 -12.38 10.42
N GLN A 38 0.09 -11.51 9.47
CA GLN A 38 1.00 -11.84 8.37
C GLN A 38 2.45 -11.38 8.65
N GLY A 39 2.68 -10.83 9.85
CA GLY A 39 3.97 -10.30 10.27
C GLY A 39 4.26 -8.90 9.76
N ASN A 40 3.22 -8.23 9.24
CA ASN A 40 3.34 -6.89 8.68
C ASN A 40 3.01 -5.82 9.70
N ARG A 41 3.89 -4.81 9.82
CA ARG A 41 3.75 -3.67 10.73
C ARG A 41 2.71 -2.67 10.24
N THR A 42 2.35 -2.79 8.96
CA THR A 42 1.30 -1.98 8.33
C THR A 42 0.27 -2.92 7.72
N THR A 43 -1.00 -2.58 7.86
CA THR A 43 -2.10 -3.36 7.35
C THR A 43 -2.85 -2.55 6.27
N PRO A 44 -3.04 -3.08 5.05
CA PRO A 44 -3.79 -2.33 4.04
C PRO A 44 -5.17 -1.96 4.55
N SER A 45 -5.63 -0.74 4.23
CA SER A 45 -6.94 -0.24 4.66
C SER A 45 -7.92 -0.76 3.62
N TYR A 46 -8.03 -2.09 3.56
CA TYR A 46 -8.87 -2.80 2.60
C TYR A 46 -9.83 -3.70 3.32
N VAL A 47 -11.06 -3.81 2.79
CA VAL A 47 -12.17 -4.62 3.28
C VAL A 47 -12.79 -5.30 2.06
N ALA A 48 -13.05 -6.61 2.17
CA ALA A 48 -13.67 -7.37 1.09
C ALA A 48 -14.94 -8.07 1.55
N PHE A 49 -15.95 -8.11 0.69
CA PHE A 49 -17.22 -8.77 1.00
C PHE A 49 -17.47 -9.91 0.03
N THR A 50 -17.84 -11.09 0.55
CA THR A 50 -18.09 -12.29 -0.25
C THR A 50 -19.42 -12.98 0.04
N ASP A 51 -19.61 -14.15 -0.55
CA ASP A 51 -20.84 -14.93 -0.40
C ASP A 51 -21.11 -15.27 1.06
N THR A 52 -20.08 -15.64 1.80
CA THR A 52 -20.28 -15.99 3.20
C THR A 52 -19.47 -15.23 4.27
N GLU A 53 -18.59 -14.31 3.87
CA GLU A 53 -17.77 -13.62 4.87
C GLU A 53 -17.16 -12.26 4.51
N ARG A 54 -16.54 -11.64 5.50
CA ARG A 54 -15.85 -10.35 5.38
C ARG A 54 -14.35 -10.48 5.71
N LEU A 55 -13.50 -9.97 4.82
CA LEU A 55 -12.04 -9.99 4.96
C LEU A 55 -11.51 -8.58 5.16
N ILE A 56 -10.51 -8.40 6.04
CA ILE A 56 -9.91 -7.11 6.37
C ILE A 56 -8.37 -7.19 6.30
N GLY A 57 -7.75 -6.15 5.76
CA GLY A 57 -6.30 -6.05 5.67
C GLY A 57 -5.69 -6.78 4.50
N ASP A 58 -4.66 -7.57 4.80
CA ASP A 58 -3.92 -8.35 3.78
C ASP A 58 -4.80 -9.32 3.01
N ALA A 59 -5.64 -10.06 3.74
CA ALA A 59 -6.56 -11.02 3.15
C ALA A 59 -7.45 -10.34 2.13
N ALA A 60 -8.00 -9.19 2.51
CA ALA A 60 -8.87 -8.44 1.62
C ALA A 60 -8.15 -7.94 0.37
N LYS A 61 -6.94 -7.44 0.55
CA LYS A 61 -6.17 -6.93 -0.57
C LYS A 61 -5.81 -7.99 -1.60
N ASN A 62 -5.36 -9.14 -1.12
CA ASN A 62 -4.96 -10.26 -1.96
C ASN A 62 -6.09 -10.89 -2.78
N GLN A 63 -7.29 -10.83 -2.23
CA GLN A 63 -8.48 -11.39 -2.84
C GLN A 63 -9.18 -10.42 -3.82
N VAL A 64 -8.56 -9.27 -4.04
CA VAL A 64 -9.10 -8.23 -4.93
C VAL A 64 -9.28 -8.62 -6.41
N ALA A 65 -8.32 -9.35 -6.98
CA ALA A 65 -8.43 -9.73 -8.38
C ALA A 65 -9.69 -10.57 -8.56
N MET A 66 -9.91 -11.48 -7.63
CA MET A 66 -11.07 -12.34 -7.62
C MET A 66 -12.39 -11.59 -7.38
N ASN A 67 -12.36 -10.60 -6.49
CA ASN A 67 -13.55 -9.85 -6.12
C ASN A 67 -13.31 -8.34 -6.22
N PRO A 68 -13.08 -7.83 -7.41
CA PRO A 68 -12.81 -6.39 -7.61
C PRO A 68 -13.96 -5.42 -7.25
N THR A 69 -15.18 -5.74 -7.64
CA THR A 69 -16.35 -4.90 -7.38
C THR A 69 -16.75 -4.83 -5.91
N ASN A 70 -16.44 -5.91 -5.20
CA ASN A 70 -16.78 -6.06 -3.78
C ASN A 70 -15.59 -5.83 -2.84
N THR A 71 -14.47 -5.39 -3.37
CA THR A 71 -13.31 -5.08 -2.54
C THR A 71 -13.24 -3.56 -2.40
N VAL A 72 -13.47 -3.08 -1.18
CA VAL A 72 -13.52 -1.66 -0.87
C VAL A 72 -12.19 -1.23 -0.28
N PHE A 73 -11.70 -0.08 -0.73
CA PHE A 73 -10.50 0.59 -0.22
C PHE A 73 -10.69 2.09 -0.40
N ASP A 74 -9.71 2.94 0.03
CA ASP A 74 -9.76 4.40 -0.09
C ASP A 74 -10.90 5.08 0.67
N ALA A 75 -11.47 4.44 1.70
CA ALA A 75 -12.59 4.99 2.49
C ALA A 75 -12.27 6.36 3.09
N LYS A 76 -10.98 6.60 3.41
CA LYS A 76 -10.45 7.85 3.92
C LYS A 76 -10.71 9.01 2.95
N ARG A 77 -10.85 8.70 1.65
CA ARG A 77 -11.12 9.71 0.63
C ARG A 77 -12.63 10.05 0.62
N LEU A 78 -13.43 9.19 1.24
CA LEU A 78 -14.87 9.39 1.30
C LEU A 78 -15.41 9.72 2.69
N ILE A 79 -14.68 9.36 3.73
CA ILE A 79 -15.19 9.58 5.07
C ILE A 79 -15.41 11.06 5.42
N GLY A 80 -16.60 11.32 5.93
CA GLY A 80 -17.01 12.65 6.33
C GLY A 80 -17.32 13.56 5.15
N ARG A 81 -17.39 13.01 3.94
CA ARG A 81 -17.68 13.84 2.77
C ARG A 81 -19.10 13.72 2.28
N ARG A 82 -19.52 14.70 1.48
CA ARG A 82 -20.82 14.75 0.81
C ARG A 82 -20.63 14.08 -0.54
N PHE A 83 -21.71 13.59 -1.12
CA PHE A 83 -21.64 12.93 -2.41
C PHE A 83 -21.09 13.87 -3.49
N ASP A 84 -21.50 15.14 -3.41
CA ASP A 84 -21.10 16.18 -4.35
C ASP A 84 -19.64 16.64 -4.25
N ASP A 85 -18.94 16.23 -3.19
CA ASP A 85 -17.55 16.63 -2.97
C ASP A 85 -16.61 16.30 -4.15
N ALA A 86 -15.76 17.26 -4.48
CA ALA A 86 -14.81 17.13 -5.61
C ALA A 86 -14.00 15.84 -5.55
N VAL A 87 -13.49 15.45 -4.38
CA VAL A 87 -12.71 14.23 -4.22
C VAL A 87 -13.55 12.97 -4.48
N VAL A 88 -14.76 12.95 -3.94
CA VAL A 88 -15.64 11.80 -4.12
C VAL A 88 -16.02 11.63 -5.59
N GLN A 89 -16.36 12.73 -6.24
CA GLN A 89 -16.74 12.72 -7.65
C GLN A 89 -15.61 12.33 -8.59
N SER A 90 -14.43 12.87 -8.35
CA SER A 90 -13.26 12.58 -9.17
C SER A 90 -12.78 11.12 -9.07
N ASP A 91 -12.73 10.62 -7.85
CA ASP A 91 -12.26 9.27 -7.54
C ASP A 91 -13.09 8.05 -7.97
N MET A 92 -14.41 8.18 -7.96
CA MET A 92 -15.28 7.05 -8.29
C MET A 92 -15.12 6.45 -9.68
N LYS A 93 -14.64 7.22 -10.65
CA LYS A 93 -14.45 6.67 -11.98
C LYS A 93 -13.45 5.52 -11.86
N HIS A 94 -12.38 5.73 -11.10
CA HIS A 94 -11.33 4.74 -10.85
C HIS A 94 -11.68 3.51 -9.99
N TRP A 95 -12.44 3.74 -8.93
CA TRP A 95 -12.84 2.74 -7.95
C TRP A 95 -13.70 1.61 -8.54
N PRO A 96 -13.28 0.33 -8.38
CA PRO A 96 -14.06 -0.79 -8.94
C PRO A 96 -15.38 -1.03 -8.22
N PHE A 97 -15.47 -0.60 -6.96
CA PHE A 97 -16.68 -0.72 -6.15
C PHE A 97 -17.62 0.46 -6.46
N MET A 98 -18.93 0.21 -6.43
CA MET A 98 -19.94 1.23 -6.70
C MET A 98 -20.07 2.20 -5.54
N VAL A 99 -20.18 3.50 -5.86
CA VAL A 99 -20.37 4.59 -4.91
C VAL A 99 -21.72 5.26 -5.26
N VAL A 100 -22.72 5.08 -4.38
CA VAL A 100 -24.08 5.59 -4.55
C VAL A 100 -24.37 6.82 -3.69
N ASN A 101 -25.53 7.45 -3.90
CA ASN A 101 -25.98 8.62 -3.17
C ASN A 101 -27.15 8.25 -2.26
N ASP A 102 -26.92 8.32 -0.94
CA ASP A 102 -27.96 8.10 0.08
C ASP A 102 -28.23 9.45 0.75
N ALA A 103 -29.14 10.25 0.16
CA ALA A 103 -29.56 11.60 0.62
C ALA A 103 -28.41 12.62 0.78
N GLY A 104 -27.40 12.52 -0.10
CA GLY A 104 -26.26 13.43 -0.09
C GLY A 104 -24.98 12.87 0.52
N ARG A 105 -25.06 11.63 1.06
CA ARG A 105 -23.93 10.95 1.68
C ARG A 105 -23.49 9.73 0.85
N PRO A 106 -22.19 9.61 0.49
CA PRO A 106 -21.77 8.44 -0.29
C PRO A 106 -21.85 7.15 0.53
N LYS A 107 -22.17 6.06 -0.15
CA LYS A 107 -22.22 4.73 0.44
C LYS A 107 -21.49 3.82 -0.50
N VAL A 108 -20.89 2.76 0.00
CA VAL A 108 -20.25 1.82 -0.90
C VAL A 108 -21.28 0.71 -1.06
N GLN A 109 -21.66 0.43 -2.31
CA GLN A 109 -22.65 -0.60 -2.60
C GLN A 109 -21.91 -1.86 -3.01
N VAL A 110 -22.14 -2.94 -2.27
CA VAL A 110 -21.48 -4.22 -2.49
C VAL A 110 -22.47 -5.37 -2.36
N GLU A 111 -22.12 -6.54 -2.94
CA GLU A 111 -22.91 -7.77 -2.81
C GLU A 111 -22.26 -8.50 -1.64
N TYR A 112 -23.05 -8.85 -0.60
CA TYR A 112 -22.55 -9.50 0.62
C TYR A 112 -23.52 -10.54 1.17
N LYS A 113 -23.00 -11.77 1.42
CA LYS A 113 -23.71 -12.95 1.91
C LYS A 113 -25.09 -13.17 1.23
N GLY A 114 -25.11 -13.10 -0.10
CA GLY A 114 -26.30 -13.32 -0.91
C GLY A 114 -27.38 -12.23 -0.83
N GLU A 115 -26.95 -10.96 -0.74
CA GLU A 115 -27.83 -9.78 -0.67
C GLU A 115 -27.04 -8.52 -1.05
N THR A 116 -27.72 -7.49 -1.57
CA THR A 116 -27.05 -6.23 -1.94
C THR A 116 -27.02 -5.31 -0.72
N LYS A 117 -25.82 -5.10 -0.13
CA LYS A 117 -25.63 -4.26 1.06
C LYS A 117 -24.89 -2.94 0.77
N SER A 118 -25.34 -1.85 1.40
CA SER A 118 -24.72 -0.52 1.28
C SER A 118 -24.13 -0.09 2.63
N PHE A 119 -22.82 0.26 2.64
CA PHE A 119 -22.08 0.69 3.83
C PHE A 119 -21.60 2.14 3.75
N TYR A 120 -21.72 2.89 4.86
CA TYR A 120 -21.21 4.26 4.95
C TYR A 120 -19.69 4.20 5.08
N PRO A 121 -18.90 5.24 4.71
CA PRO A 121 -17.44 5.15 4.88
C PRO A 121 -16.97 4.89 6.32
N GLU A 122 -17.70 5.39 7.35
CA GLU A 122 -17.35 5.15 8.75
C GLU A 122 -17.52 3.65 9.13
N GLU A 123 -18.50 2.97 8.50
CA GLU A 123 -18.74 1.53 8.72
C GLU A 123 -17.60 0.72 8.10
N VAL A 124 -17.06 1.19 6.95
CA VAL A 124 -15.91 0.57 6.28
C VAL A 124 -14.65 0.82 7.14
N SER A 125 -14.44 2.08 7.57
CA SER A 125 -13.30 2.47 8.43
C SER A 125 -13.35 1.80 9.80
N SER A 126 -14.55 1.50 10.33
CA SER A 126 -14.73 0.76 11.60
C SER A 126 -14.28 -0.68 11.46
N MET A 127 -14.42 -1.25 10.26
CA MET A 127 -13.98 -2.64 10.00
C MET A 127 -12.45 -2.71 10.01
N VAL A 128 -11.78 -1.72 9.41
CA VAL A 128 -10.32 -1.53 9.41
C VAL A 128 -9.84 -1.28 10.85
N LEU A 129 -10.54 -0.37 11.59
CA LEU A 129 -10.20 -0.10 12.99
C LEU A 129 -10.35 -1.36 13.84
N THR A 130 -11.45 -2.14 13.65
CA THR A 130 -11.65 -3.44 14.36
C THR A 130 -10.45 -4.38 14.18
N LYS A 131 -9.88 -4.42 12.97
CA LYS A 131 -8.72 -5.25 12.65
C LYS A 131 -7.51 -4.76 13.41
N MET A 132 -7.27 -3.43 13.40
CA MET A 132 -6.13 -2.77 14.10
C MET A 132 -6.18 -3.02 15.62
N LYS A 133 -7.40 -3.05 16.20
CA LYS A 133 -7.73 -3.34 17.60
C LYS A 133 -7.34 -4.82 17.83
N GLU A 134 -7.74 -5.73 16.89
CA GLU A 134 -7.41 -7.17 16.98
C GLU A 134 -5.91 -7.42 16.89
N ILE A 135 -5.22 -6.70 15.99
CA ILE A 135 -3.77 -6.76 15.83
C ILE A 135 -3.09 -6.51 17.19
N ALA A 136 -3.44 -5.37 17.84
CA ALA A 136 -2.92 -5.00 19.14
C ALA A 136 -3.28 -6.01 20.21
N GLU A 137 -4.52 -6.58 20.16
CA GLU A 137 -5.00 -7.57 21.13
C GLU A 137 -4.23 -8.87 21.11
N ALA A 138 -3.88 -9.38 19.90
CA ALA A 138 -3.12 -10.62 19.73
C ALA A 138 -1.70 -10.42 20.23
N TYR A 139 -1.11 -9.24 20.00
CA TYR A 139 0.25 -8.99 20.48
C TYR A 139 0.32 -8.91 22.02
N LEU A 140 -0.57 -8.10 22.63
CA LEU A 140 -0.63 -7.84 24.07
C LEU A 140 -1.27 -8.94 24.87
N GLY A 141 -2.10 -9.75 24.22
CA GLY A 141 -2.82 -10.84 24.86
C GLY A 141 -3.85 -10.31 25.85
N LYS A 142 -4.34 -9.07 25.61
CA LYS A 142 -5.31 -8.38 26.45
C LYS A 142 -6.34 -7.70 25.58
N THR A 143 -7.55 -7.42 26.14
CA THR A 143 -8.58 -6.68 25.41
C THR A 143 -8.09 -5.26 25.29
N VAL A 144 -8.36 -4.63 24.16
CA VAL A 144 -7.94 -3.27 23.86
C VAL A 144 -9.19 -2.47 23.53
N THR A 145 -9.53 -1.51 24.39
CA THR A 145 -10.70 -0.66 24.21
C THR A 145 -10.32 0.79 23.90
N ASN A 146 -9.28 1.33 24.56
CA ASN A 146 -8.88 2.75 24.42
C ASN A 146 -7.88 3.01 23.29
N ALA A 147 -8.19 3.99 22.45
CA ALA A 147 -7.29 4.35 21.37
C ALA A 147 -7.26 5.82 21.01
N VAL A 148 -6.12 6.25 20.48
CA VAL A 148 -5.94 7.60 19.99
C VAL A 148 -5.86 7.36 18.49
N VAL A 149 -6.74 7.99 17.73
CA VAL A 149 -6.77 7.82 16.28
C VAL A 149 -6.38 9.10 15.58
N THR A 150 -5.49 9.00 14.59
CA THR A 150 -5.04 10.21 13.89
C THR A 150 -5.91 10.52 12.67
N VAL A 151 -5.92 11.79 12.29
CA VAL A 151 -6.64 12.31 11.12
C VAL A 151 -5.75 13.36 10.47
N PRO A 152 -5.94 13.62 9.18
CA PRO A 152 -5.13 14.65 8.53
C PRO A 152 -5.55 16.01 9.08
N ALA A 153 -4.61 16.94 9.12
CA ALA A 153 -4.87 18.28 9.64
C ALA A 153 -5.94 19.07 8.87
N TYR A 154 -6.05 18.83 7.58
CA TYR A 154 -7.02 19.57 6.76
C TYR A 154 -8.43 19.01 6.93
N PHE A 155 -8.56 17.98 7.75
CA PHE A 155 -9.87 17.38 7.98
C PHE A 155 -10.77 18.38 8.67
N ASN A 156 -12.01 18.47 8.22
CA ASN A 156 -13.00 19.35 8.83
C ASN A 156 -13.70 18.60 9.96
N ASP A 157 -14.61 19.27 10.65
CA ASP A 157 -15.31 18.65 11.78
C ASP A 157 -16.11 17.43 11.38
N SER A 158 -16.77 17.49 10.24
CA SER A 158 -17.56 16.37 9.74
C SER A 158 -16.67 15.14 9.48
N GLN A 159 -15.52 15.39 8.87
CA GLN A 159 -14.55 14.35 8.60
C GLN A 159 -13.98 13.80 9.92
N ARG A 160 -13.68 14.69 10.86
CA ARG A 160 -13.15 14.30 12.15
C ARG A 160 -14.16 13.50 12.95
N GLN A 161 -15.40 13.94 12.95
CA GLN A 161 -16.47 13.26 13.65
C GLN A 161 -16.74 11.88 13.05
N ALA A 162 -16.70 11.79 11.72
CA ALA A 162 -16.93 10.50 11.05
C ALA A 162 -15.86 9.50 11.43
N THR A 163 -14.59 9.97 11.56
CA THR A 163 -13.47 9.12 11.97
C THR A 163 -13.71 8.65 13.41
N LYS A 164 -14.14 9.57 14.30
CA LYS A 164 -14.42 9.21 15.71
C LYS A 164 -15.52 8.17 15.76
N ASP A 165 -16.57 8.34 14.91
CA ASP A 165 -17.71 7.43 14.79
C ASP A 165 -17.26 6.06 14.32
N ALA A 166 -16.26 6.00 13.42
CA ALA A 166 -15.73 4.70 12.96
C ALA A 166 -15.10 3.96 14.15
N GLY A 167 -14.56 4.71 15.10
CA GLY A 167 -13.95 4.20 16.32
C GLY A 167 -14.99 3.56 17.20
N THR A 168 -16.07 4.33 17.50
CA THR A 168 -17.21 3.92 18.32
C THR A 168 -17.86 2.64 17.80
N ILE A 169 -18.02 2.53 16.46
CA ILE A 169 -18.62 1.32 15.86
C ILE A 169 -17.69 0.11 16.05
N ALA A 170 -16.37 0.30 15.88
CA ALA A 170 -15.31 -0.70 16.04
C ALA A 170 -15.13 -1.20 17.48
N GLY A 171 -15.84 -0.60 18.43
CA GLY A 171 -15.78 -0.96 19.85
C GLY A 171 -14.71 -0.20 20.62
N LEU A 172 -14.22 0.90 20.05
CA LEU A 172 -13.17 1.68 20.67
C LEU A 172 -13.68 2.91 21.33
N ASN A 173 -13.05 3.23 22.45
CA ASN A 173 -13.25 4.46 23.18
C ASN A 173 -12.13 5.36 22.64
N VAL A 174 -12.50 6.31 21.78
CA VAL A 174 -11.56 7.23 21.14
C VAL A 174 -11.19 8.33 22.13
N LEU A 175 -10.06 8.15 22.86
CA LEU A 175 -9.50 9.09 23.85
C LEU A 175 -9.29 10.49 23.28
N ARG A 176 -8.69 10.54 22.10
CA ARG A 176 -8.43 11.78 21.42
C ARG A 176 -8.26 11.53 19.93
N ILE A 177 -8.58 12.54 19.13
CA ILE A 177 -8.39 12.46 17.70
C ILE A 177 -7.34 13.52 17.52
N ILE A 178 -6.21 13.16 16.94
CA ILE A 178 -5.15 14.15 16.76
C ILE A 178 -4.67 14.24 15.33
N ASN A 179 -4.12 15.39 15.00
CA ASN A 179 -3.60 15.66 13.66
C ASN A 179 -2.38 14.81 13.46
N GLU A 180 -2.23 14.30 12.24
CA GLU A 180 -1.08 13.51 11.82
C GLU A 180 0.24 14.29 12.00
N PRO A 181 0.39 15.56 11.55
CA PRO A 181 1.66 16.26 11.78
C PRO A 181 1.93 16.57 13.26
N THR A 182 0.87 16.63 14.09
CA THR A 182 1.01 16.83 15.54
C THR A 182 1.57 15.55 16.15
N ALA A 183 1.07 14.38 15.69
CA ALA A 183 1.48 13.05 16.15
C ALA A 183 2.96 12.82 15.80
N ALA A 184 3.38 13.19 14.57
CA ALA A 184 4.76 13.09 14.09
C ALA A 184 5.68 14.02 14.90
N ALA A 185 5.18 15.21 15.30
CA ALA A 185 5.96 16.14 16.13
C ALA A 185 6.09 15.61 17.58
N ILE A 186 5.03 14.97 18.11
CA ILE A 186 5.02 14.32 19.45
C ILE A 186 6.01 13.13 19.45
N ALA A 187 6.08 12.36 18.35
CA ALA A 187 6.99 11.20 18.20
C ALA A 187 8.45 11.56 18.42
N TYR A 188 8.87 12.78 18.00
CA TYR A 188 10.21 13.34 18.12
C TYR A 188 10.43 14.27 19.33
N GLY A 189 9.42 14.39 20.19
CA GLY A 189 9.48 15.18 21.43
C GLY A 189 9.86 16.64 21.22
N LEU A 190 9.32 17.25 20.14
CA LEU A 190 9.54 18.62 19.72
C LEU A 190 8.91 19.64 20.63
N ASP A 191 7.92 19.20 21.41
CA ASP A 191 7.22 20.00 22.40
C ASP A 191 8.03 20.08 23.73
N LYS A 192 8.88 19.07 23.98
CA LYS A 192 9.74 18.94 25.17
C LYS A 192 10.99 19.83 25.09
N LYS A 193 11.25 20.42 23.90
CA LYS A 193 12.42 21.27 23.66
C LYS A 193 12.32 22.61 24.39
N VAL A 194 13.46 23.17 24.79
CA VAL A 194 13.46 24.43 25.54
C VAL A 194 13.89 25.62 24.68
N GLY A 195 13.12 26.69 24.76
CA GLY A 195 13.35 27.92 24.03
C GLY A 195 12.05 28.67 23.78
N ALA A 196 11.99 29.42 22.67
CA ALA A 196 10.78 30.16 22.34
C ALA A 196 9.82 29.29 21.48
N GLU A 197 8.90 29.92 20.74
CA GLU A 197 7.96 29.22 19.84
C GLU A 197 8.78 28.38 18.83
N ARG A 198 8.27 27.22 18.42
CA ARG A 198 8.99 26.39 17.49
C ARG A 198 8.17 26.13 16.25
N ASN A 199 8.69 26.56 15.09
CA ASN A 199 8.02 26.35 13.82
C ASN A 199 8.55 25.07 13.22
N VAL A 200 7.66 24.12 13.05
CA VAL A 200 7.94 22.77 12.58
C VAL A 200 7.30 22.51 11.21
N LEU A 201 8.09 21.98 10.29
CA LEU A 201 7.58 21.62 8.98
C LEU A 201 7.50 20.10 8.90
N ILE A 202 6.32 19.59 8.62
CA ILE A 202 6.14 18.16 8.48
C ILE A 202 5.99 17.86 6.99
N PHE A 203 6.93 17.12 6.45
CA PHE A 203 6.95 16.75 5.04
C PHE A 203 6.49 15.30 4.97
N ASP A 204 5.25 15.10 4.53
CA ASP A 204 4.67 13.75 4.45
C ASP A 204 4.41 13.25 3.04
N LEU A 205 5.27 12.36 2.57
CA LEU A 205 5.16 11.74 1.25
C LEU A 205 5.06 10.19 1.33
N GLY A 206 3.88 9.68 1.01
CA GLY A 206 3.61 8.24 1.00
C GLY A 206 3.53 7.63 -0.40
N GLY A 207 2.55 6.75 -0.62
CA GLY A 207 2.34 6.07 -1.89
C GLY A 207 1.44 6.76 -2.91
N GLY A 208 0.42 7.45 -2.39
CA GLY A 208 -0.54 8.17 -3.21
C GLY A 208 -0.78 9.64 -2.91
N THR A 209 -0.49 10.08 -1.69
CA THR A 209 -0.71 11.48 -1.32
C THR A 209 0.47 12.18 -0.67
N PHE A 210 0.58 13.48 -0.92
CA PHE A 210 1.65 14.32 -0.38
C PHE A 210 1.01 15.40 0.49
N ASP A 211 1.49 15.54 1.72
CA ASP A 211 0.97 16.52 2.65
C ASP A 211 2.08 17.27 3.36
N VAL A 212 2.06 18.62 3.26
CA VAL A 212 3.00 19.51 3.95
C VAL A 212 2.16 20.32 4.94
N SER A 213 2.57 20.33 6.20
CA SER A 213 1.93 21.09 7.27
C SER A 213 2.98 21.85 8.03
N ILE A 214 2.68 23.08 8.42
CA ILE A 214 3.61 23.84 9.22
C ILE A 214 2.85 24.09 10.52
N LEU A 215 3.50 23.79 11.64
CA LEU A 215 2.87 23.96 12.93
C LEU A 215 3.74 24.83 13.80
N THR A 216 3.10 25.51 14.72
CA THR A 216 3.84 26.33 15.66
C THR A 216 3.52 25.79 17.05
N ILE A 217 4.57 25.42 17.77
CA ILE A 217 4.45 24.90 19.13
C ILE A 217 4.94 26.01 20.04
N GLU A 218 4.03 26.60 20.85
CA GLU A 218 4.33 27.67 21.82
C GLU A 218 3.71 27.25 23.14
N ASP A 219 4.56 26.96 24.14
CA ASP A 219 4.18 26.47 25.48
C ASP A 219 3.31 25.23 25.37
N GLY A 220 3.74 24.28 24.56
CA GLY A 220 3.05 23.01 24.40
C GLY A 220 1.74 23.09 23.67
N ILE A 221 1.49 24.22 23.02
CA ILE A 221 0.26 24.39 22.29
C ILE A 221 0.59 24.18 20.83
N PHE A 222 -0.13 23.27 20.18
CA PHE A 222 0.11 23.00 18.78
C PHE A 222 -0.89 23.79 17.99
N GLU A 223 -0.37 24.59 17.07
CA GLU A 223 -1.24 25.43 16.22
C GLU A 223 -0.84 25.13 14.75
N VAL A 224 -1.81 24.63 13.96
CA VAL A 224 -1.57 24.38 12.54
C VAL A 224 -1.64 25.73 11.83
N LYS A 225 -0.49 26.24 11.37
CA LYS A 225 -0.39 27.51 10.67
C LYS A 225 -0.79 27.43 9.21
N SER A 226 -0.50 26.28 8.55
CA SER A 226 -0.79 26.09 7.14
C SER A 226 -0.67 24.66 6.71
N THR A 227 -1.40 24.32 5.64
CA THR A 227 -1.40 23.01 5.02
C THR A 227 -1.27 23.24 3.52
N ALA A 228 -0.55 22.37 2.84
CA ALA A 228 -0.37 22.35 1.38
C ALA A 228 0.02 20.93 1.04
N GLY A 229 0.13 20.62 -0.25
CA GLY A 229 0.50 19.29 -0.70
C GLY A 229 -0.09 18.96 -2.04
N ASP A 230 -0.15 17.67 -2.34
CA ASP A 230 -0.69 17.14 -3.61
C ASP A 230 -1.49 15.88 -3.24
N THR A 231 -2.77 15.88 -3.59
CA THR A 231 -3.68 14.78 -3.33
C THR A 231 -3.28 13.52 -4.07
N HIS A 232 -2.73 13.71 -5.27
CA HIS A 232 -2.34 12.56 -6.07
C HIS A 232 -0.88 12.58 -6.50
N LEU A 233 -0.01 12.34 -5.52
CA LEU A 233 1.42 12.20 -5.73
C LEU A 233 1.96 11.28 -4.65
N GLY A 234 2.83 10.36 -5.05
CA GLY A 234 3.47 9.42 -4.15
C GLY A 234 4.38 8.45 -4.85
N GLY A 235 4.79 7.41 -4.13
CA GLY A 235 5.68 6.36 -4.62
C GLY A 235 5.26 5.61 -5.86
N GLU A 236 3.93 5.52 -6.10
CA GLU A 236 3.38 4.83 -7.28
C GLU A 236 3.81 5.54 -8.56
N ASP A 237 3.89 6.88 -8.51
CA ASP A 237 4.30 7.74 -9.63
C ASP A 237 5.76 7.54 -9.97
N PHE A 238 6.59 7.25 -8.95
CA PHE A 238 8.02 6.98 -9.10
C PHE A 238 8.20 5.62 -9.78
N ASP A 239 7.34 4.65 -9.41
CA ASP A 239 7.31 3.31 -10.02
C ASP A 239 6.98 3.44 -11.50
N ASN A 240 5.95 4.27 -11.80
CA ASN A 240 5.44 4.55 -13.15
C ASN A 240 6.52 4.99 -14.11
N ARG A 241 7.37 5.93 -13.68
CA ARG A 241 8.48 6.47 -14.45
C ARG A 241 9.57 5.42 -14.69
N MET A 242 9.78 4.54 -13.70
CA MET A 242 10.73 3.44 -13.83
C MET A 242 10.20 2.49 -14.90
N VAL A 243 8.89 2.26 -14.86
CA VAL A 243 8.22 1.39 -15.82
C VAL A 243 8.35 1.96 -17.22
N ASN A 244 8.17 3.28 -17.35
CA ASN A 244 8.27 3.94 -18.65
C ASN A 244 9.68 3.75 -19.19
N HIS A 245 10.66 3.83 -18.29
CA HIS A 245 12.05 3.69 -18.64
C HIS A 245 12.38 2.28 -19.16
N PHE A 246 11.91 1.27 -18.45
CA PHE A 246 12.15 -0.12 -18.86
C PHE A 246 11.44 -0.53 -20.14
N ILE A 247 10.20 -0.07 -20.30
CA ILE A 247 9.42 -0.39 -21.50
C ILE A 247 10.13 0.22 -22.70
N ALA A 248 10.64 1.44 -22.54
CA ALA A 248 11.39 2.12 -23.61
C ALA A 248 12.68 1.35 -23.94
N GLU A 249 13.39 0.86 -22.88
CA GLU A 249 14.63 0.10 -23.03
C GLU A 249 14.37 -1.24 -23.67
N PHE A 250 13.23 -1.89 -23.34
CA PHE A 250 12.86 -3.15 -23.92
C PHE A 250 12.62 -2.92 -25.43
N LYS A 251 11.95 -1.81 -25.77
CA LYS A 251 11.72 -1.37 -27.14
C LYS A 251 13.02 -1.15 -27.88
N ARG A 252 14.01 -0.48 -27.26
CA ARG A 252 15.30 -0.20 -27.91
C ARG A 252 16.09 -1.45 -28.21
N LYS A 253 16.21 -2.31 -27.21
CA LYS A 253 16.92 -3.58 -27.33
C LYS A 253 16.26 -4.64 -28.21
N HIS A 254 14.96 -4.81 -28.07
CA HIS A 254 14.23 -5.85 -28.81
C HIS A 254 13.19 -5.43 -29.86
N LYS A 255 12.90 -4.15 -29.96
CA LYS A 255 11.92 -3.67 -30.93
C LYS A 255 10.55 -4.33 -30.72
N LYS A 256 10.17 -4.50 -29.45
CA LYS A 256 8.88 -5.08 -29.06
C LYS A 256 8.23 -4.20 -28.02
N ASP A 257 6.92 -4.13 -28.05
CA ASP A 257 6.14 -3.30 -27.12
C ASP A 257 5.48 -4.19 -26.05
N ILE A 258 6.00 -4.20 -24.83
CA ILE A 258 5.45 -5.05 -23.74
C ILE A 258 4.13 -4.52 -23.14
N SER A 259 3.81 -3.25 -23.39
CA SER A 259 2.63 -2.57 -22.86
C SER A 259 1.37 -3.24 -23.40
N GLU A 260 1.55 -3.98 -24.48
CA GLU A 260 0.45 -4.71 -25.07
C GLU A 260 -0.07 -5.73 -24.06
N ASN A 261 0.86 -6.36 -23.33
CA ASN A 261 0.52 -7.38 -22.34
C ASN A 261 0.49 -6.85 -20.91
N LYS A 262 -0.66 -6.90 -20.25
CA LYS A 262 -0.78 -6.38 -18.88
C LYS A 262 -0.08 -7.28 -17.83
N ARG A 263 0.12 -8.57 -18.11
CA ARG A 263 0.85 -9.41 -17.14
C ARG A 263 2.35 -9.12 -17.18
N ALA A 264 2.85 -8.73 -18.36
CA ALA A 264 4.26 -8.36 -18.53
C ALA A 264 4.51 -7.04 -17.83
N VAL A 265 3.60 -6.06 -17.98
CA VAL A 265 3.68 -4.74 -17.35
C VAL A 265 3.63 -4.89 -15.82
N ARG A 266 2.81 -5.81 -15.31
CA ARG A 266 2.70 -6.04 -13.88
C ARG A 266 3.98 -6.64 -13.28
N ARG A 267 4.57 -7.66 -13.94
CA ARG A 267 5.81 -8.27 -13.49
C ARG A 267 6.91 -7.24 -13.47
N LEU A 268 6.98 -6.38 -14.51
CA LEU A 268 7.97 -5.34 -14.59
C LEU A 268 7.73 -4.31 -13.46
N ARG A 269 6.45 -3.93 -13.20
CA ARG A 269 6.05 -2.97 -12.16
C ARG A 269 6.43 -3.48 -10.79
N THR A 270 6.11 -4.74 -10.48
CA THR A 270 6.47 -5.31 -9.19
C THR A 270 8.00 -5.25 -9.02
N ALA A 271 8.78 -5.57 -10.08
CA ALA A 271 10.24 -5.56 -9.94
C ALA A 271 10.76 -4.13 -9.77
N CYS A 272 10.09 -3.16 -10.41
CA CYS A 272 10.44 -1.74 -10.32
C CYS A 272 10.30 -1.19 -8.91
N GLU A 273 9.16 -1.46 -8.23
CA GLU A 273 8.91 -1.01 -6.84
C GLU A 273 10.00 -1.52 -5.90
N ARG A 274 10.41 -2.79 -6.06
N ARG A 274 10.41 -2.80 -6.07
CA ARG A 274 11.47 -3.40 -5.26
CA ARG A 274 11.46 -3.46 -5.29
C ARG A 274 12.84 -2.80 -5.61
C ARG A 274 12.83 -2.84 -5.62
N ALA A 275 13.12 -2.57 -6.90
CA ALA A 275 14.40 -1.95 -7.33
C ALA A 275 14.53 -0.52 -6.76
N LYS A 276 13.39 0.21 -6.69
CA LYS A 276 13.30 1.56 -6.14
C LYS A 276 13.68 1.53 -4.67
N ARG A 277 13.17 0.55 -3.91
CA ARG A 277 13.50 0.43 -2.48
C ARG A 277 15.00 0.19 -2.25
N THR A 278 15.62 -0.65 -3.11
CA THR A 278 17.07 -0.95 -3.11
C THR A 278 17.87 0.32 -3.36
N LEU A 279 17.36 1.19 -4.23
CA LEU A 279 18.02 2.45 -4.60
C LEU A 279 18.03 3.51 -3.48
N SER A 280 17.33 3.25 -2.35
CA SER A 280 17.31 4.15 -1.21
C SER A 280 18.53 3.87 -0.32
N SER A 281 19.07 2.63 -0.37
CA SER A 281 20.26 2.33 0.43
C SER A 281 21.47 1.96 -0.45
N SER A 282 21.26 1.64 -1.74
CA SER A 282 22.28 1.29 -2.77
C SER A 282 22.19 2.24 -3.97
N THR A 283 23.28 2.38 -4.74
CA THR A 283 23.33 3.29 -5.90
C THR A 283 23.05 2.59 -7.24
N GLN A 284 22.75 1.28 -7.20
CA GLN A 284 22.45 0.44 -8.35
C GLN A 284 21.54 -0.72 -7.91
N ALA A 285 20.61 -1.11 -8.77
CA ALA A 285 19.68 -2.25 -8.54
C ALA A 285 19.60 -3.03 -9.83
N SER A 286 19.60 -4.36 -9.72
CA SER A 286 19.58 -5.29 -10.86
C SER A 286 18.24 -6.01 -10.93
N ILE A 287 17.75 -6.28 -12.13
CA ILE A 287 16.46 -6.98 -12.35
C ILE A 287 16.63 -8.09 -13.37
N GLU A 288 16.05 -9.26 -13.11
CA GLU A 288 16.08 -10.42 -14.01
C GLU A 288 14.68 -11.00 -14.06
N ILE A 289 14.04 -10.85 -15.21
CA ILE A 289 12.70 -11.35 -15.51
C ILE A 289 12.81 -12.27 -16.73
N ASP A 290 12.66 -13.58 -16.50
CA ASP A 290 12.70 -14.57 -17.57
C ASP A 290 11.40 -14.57 -18.31
N SER A 291 11.49 -14.81 -19.64
CA SER A 291 10.38 -14.90 -20.56
C SER A 291 9.35 -13.78 -20.26
N LEU A 292 9.85 -12.51 -20.18
CA LEU A 292 8.98 -11.39 -19.85
C LEU A 292 7.84 -11.20 -20.87
N TYR A 293 8.21 -11.18 -22.15
CA TYR A 293 7.28 -10.93 -23.23
C TYR A 293 7.82 -11.55 -24.51
N GLU A 294 6.96 -12.28 -25.22
CA GLU A 294 7.31 -12.98 -26.45
C GLU A 294 8.62 -13.79 -26.30
N GLY A 295 8.70 -14.51 -25.17
CA GLY A 295 9.80 -15.38 -24.77
C GLY A 295 11.14 -14.70 -24.52
N ILE A 296 11.19 -13.36 -24.52
CA ILE A 296 12.44 -12.61 -24.30
C ILE A 296 12.71 -12.46 -22.81
N ASP A 297 13.97 -12.74 -22.40
CA ASP A 297 14.43 -12.55 -21.02
C ASP A 297 14.90 -11.13 -20.85
N PHE A 298 14.43 -10.46 -19.81
CA PHE A 298 14.83 -9.08 -19.60
C PHE A 298 15.72 -9.01 -18.36
N TYR A 299 17.01 -8.85 -18.60
CA TYR A 299 18.00 -8.73 -17.55
C TYR A 299 18.51 -7.32 -17.71
N THR A 300 18.36 -6.54 -16.65
CA THR A 300 18.76 -5.14 -16.66
C THR A 300 19.11 -4.61 -15.28
N SER A 301 19.57 -3.36 -15.27
CA SER A 301 19.96 -2.67 -14.06
C SER A 301 19.70 -1.19 -14.21
N ILE A 302 19.53 -0.52 -13.10
CA ILE A 302 19.32 0.91 -13.09
C ILE A 302 20.14 1.53 -11.96
N THR A 303 20.70 2.71 -12.22
CA THR A 303 21.50 3.44 -11.24
C THR A 303 20.61 4.41 -10.47
N ARG A 304 21.02 4.83 -9.28
CA ARG A 304 20.24 5.76 -8.50
C ARG A 304 20.10 7.09 -9.28
N ALA A 305 21.21 7.55 -9.93
CA ALA A 305 21.26 8.74 -10.77
C ALA A 305 20.18 8.67 -11.87
N ARG A 306 20.02 7.50 -12.57
CA ARG A 306 18.98 7.34 -13.59
C ARG A 306 17.58 7.39 -12.99
N PHE A 307 17.38 6.77 -11.83
CA PHE A 307 16.09 6.79 -11.17
C PHE A 307 15.72 8.24 -10.84
N GLU A 308 16.69 9.02 -10.39
CA GLU A 308 16.47 10.42 -10.06
C GLU A 308 16.06 11.27 -11.27
N GLU A 309 16.71 11.04 -12.41
CA GLU A 309 16.41 11.77 -13.64
C GLU A 309 14.99 11.52 -14.11
N LEU A 310 14.57 10.27 -14.02
CA LEU A 310 13.24 9.82 -14.43
C LEU A 310 12.12 10.50 -13.69
N ASN A 311 12.41 10.93 -12.46
CA ASN A 311 11.44 11.54 -11.55
C ASN A 311 11.77 12.97 -11.17
N ALA A 312 12.78 13.59 -11.83
CA ALA A 312 13.28 14.94 -11.53
C ALA A 312 12.20 16.00 -11.29
N ASP A 313 11.16 16.03 -12.13
CA ASP A 313 10.04 17.00 -12.01
C ASP A 313 9.19 16.73 -10.77
N LEU A 314 8.90 15.46 -10.52
CA LEU A 314 8.15 15.06 -9.34
C LEU A 314 8.90 15.35 -8.05
N PHE A 315 10.19 15.06 -8.00
CA PHE A 315 10.98 15.32 -6.80
C PHE A 315 11.10 16.81 -6.52
N ARG A 316 11.37 17.58 -7.57
CA ARG A 316 11.49 19.03 -7.45
C ARG A 316 10.14 19.60 -7.08
N GLY A 317 9.11 19.04 -7.68
CA GLY A 317 7.73 19.45 -7.47
C GLY A 317 7.31 19.44 -6.02
N THR A 318 7.99 18.62 -5.18
CA THR A 318 7.69 18.54 -3.74
C THR A 318 7.99 19.88 -3.02
N LEU A 319 8.93 20.70 -3.55
CA LEU A 319 9.23 22.00 -2.94
C LEU A 319 8.13 23.05 -3.17
N ASP A 320 7.31 22.91 -4.20
CA ASP A 320 6.29 23.92 -4.42
C ASP A 320 5.31 23.99 -3.26
N PRO A 321 4.82 22.85 -2.79
CA PRO A 321 3.91 22.86 -1.64
C PRO A 321 4.63 23.43 -0.42
N VAL A 322 5.93 23.16 -0.29
CA VAL A 322 6.72 23.67 0.82
C VAL A 322 6.80 25.20 0.80
N GLU A 323 7.06 25.78 -0.36
CA GLU A 323 7.10 27.23 -0.54
C GLU A 323 5.74 27.86 -0.25
N LYS A 324 4.65 27.19 -0.70
CA LYS A 324 3.25 27.61 -0.49
C LYS A 324 2.86 27.58 0.99
N ALA A 325 3.24 26.51 1.71
CA ALA A 325 2.93 26.38 3.14
C ALA A 325 3.60 27.50 3.93
N LEU A 326 4.88 27.82 3.59
CA LEU A 326 5.64 28.93 4.18
C LEU A 326 4.92 30.24 3.96
N ARG A 327 4.41 30.46 2.72
CA ARG A 327 3.66 31.66 2.34
C ARG A 327 2.39 31.86 3.17
N ASP A 328 1.48 30.87 3.22
CA ASP A 328 0.25 30.94 4.03
C ASP A 328 0.51 31.19 5.52
N ALA A 329 1.58 30.59 6.06
CA ALA A 329 2.00 30.70 7.45
C ALA A 329 2.78 32.00 7.71
N LYS A 330 3.04 32.78 6.64
CA LYS A 330 3.78 34.05 6.68
C LYS A 330 5.15 33.82 7.35
N LEU A 331 5.90 32.87 6.84
CA LEU A 331 7.19 32.56 7.41
C LEU A 331 8.30 32.47 6.39
N ASP A 332 9.49 32.71 6.87
CA ASP A 332 10.70 32.62 6.10
C ASP A 332 11.19 31.23 6.40
N LYS A 333 11.84 30.59 5.45
CA LYS A 333 12.33 29.23 5.66
C LYS A 333 13.35 29.18 6.79
N SER A 334 14.04 30.28 7.01
CA SER A 334 15.04 30.41 8.06
C SER A 334 14.38 30.37 9.44
N GLN A 335 13.03 30.56 9.46
CA GLN A 335 12.19 30.53 10.66
C GLN A 335 11.75 29.09 11.05
N ILE A 336 12.06 28.12 10.20
CA ILE A 336 11.67 26.73 10.48
C ILE A 336 12.72 26.05 11.35
N HIS A 337 12.35 25.82 12.60
CA HIS A 337 13.20 25.15 13.58
C HIS A 337 13.41 23.65 13.40
N ASP A 338 12.34 22.94 13.04
CA ASP A 338 12.41 21.50 12.86
C ASP A 338 11.71 21.01 11.58
N ILE A 339 12.32 20.01 10.94
CA ILE A 339 11.78 19.37 9.74
C ILE A 339 11.62 17.89 10.09
N VAL A 340 10.39 17.36 9.97
CA VAL A 340 10.01 15.97 10.23
C VAL A 340 9.64 15.29 8.90
N LEU A 341 10.22 14.10 8.67
CA LEU A 341 9.93 13.30 7.48
C LEU A 341 8.88 12.27 7.81
N VAL A 342 7.82 12.18 7.00
CA VAL A 342 6.73 11.20 7.23
C VAL A 342 6.38 10.54 5.88
N GLY A 343 6.04 9.27 5.89
CA GLY A 343 5.72 8.57 4.66
C GLY A 343 6.93 7.83 4.11
N GLY A 344 6.68 6.67 3.51
CA GLY A 344 7.70 5.78 3.00
C GLY A 344 8.57 6.36 1.92
N SER A 345 8.04 7.29 1.14
CA SER A 345 8.79 7.89 0.04
C SER A 345 9.83 8.92 0.47
N THR A 346 9.77 9.36 1.76
CA THR A 346 10.75 10.29 2.32
C THR A 346 12.08 9.56 2.61
N ARG A 347 12.14 8.23 2.38
CA ARG A 347 13.34 7.41 2.49
C ARG A 347 14.22 7.66 1.27
N ILE A 348 13.66 8.28 0.20
CA ILE A 348 14.39 8.57 -1.04
C ILE A 348 15.50 9.61 -0.79
N PRO A 349 16.81 9.22 -0.97
CA PRO A 349 17.91 10.15 -0.72
C PRO A 349 17.86 11.46 -1.49
N LYS A 350 17.38 11.44 -2.74
CA LYS A 350 17.28 12.67 -3.52
C LYS A 350 16.27 13.63 -2.89
N ILE A 351 15.15 13.08 -2.42
CA ILE A 351 14.12 13.88 -1.80
C ILE A 351 14.69 14.51 -0.53
N GLN A 352 15.46 13.73 0.21
CA GLN A 352 16.11 14.20 1.43
C GLN A 352 17.11 15.31 1.12
N LYS A 353 17.84 15.14 0.02
CA LYS A 353 18.85 16.12 -0.41
C LYS A 353 18.20 17.45 -0.80
N LEU A 354 17.13 17.40 -1.62
CA LEU A 354 16.36 18.55 -2.05
C LEU A 354 15.84 19.37 -0.87
N LEU A 355 15.28 18.70 0.13
CA LEU A 355 14.71 19.33 1.32
C LEU A 355 15.77 19.97 2.24
N GLN A 356 16.91 19.29 2.41
CA GLN A 356 18.03 19.79 3.23
C GLN A 356 18.64 21.02 2.54
N ASP A 357 18.98 20.90 1.23
CA ASP A 357 19.52 22.00 0.43
C ASP A 357 18.59 23.20 0.48
N PHE A 358 17.28 22.97 0.33
CA PHE A 358 16.28 24.05 0.43
C PHE A 358 16.37 24.75 1.79
N PHE A 359 16.56 24.02 2.89
CA PHE A 359 16.65 24.63 4.24
C PHE A 359 18.08 24.90 4.72
N ASN A 360 19.00 25.23 3.78
CA ASN A 360 20.39 25.59 4.06
C ASN A 360 21.17 24.58 4.90
N GLY A 361 21.06 23.31 4.54
CA GLY A 361 21.78 22.25 5.21
C GLY A 361 21.31 21.80 6.57
N LYS A 362 20.07 22.20 7.00
CA LYS A 362 19.49 21.79 8.29
C LYS A 362 19.31 20.26 8.31
N GLU A 363 19.60 19.61 9.46
CA GLU A 363 19.42 18.16 9.57
C GLU A 363 17.93 17.84 9.62
N LEU A 364 17.55 16.63 9.19
CA LEU A 364 16.16 16.21 9.17
C LEU A 364 15.87 15.16 10.23
N ASN A 365 14.69 15.28 10.86
CA ASN A 365 14.24 14.27 11.82
C ASN A 365 13.67 13.16 10.97
N LYS A 366 14.43 12.07 10.86
CA LYS A 366 14.11 10.88 10.03
C LYS A 366 14.48 9.56 10.73
N SER A 367 14.98 9.62 11.98
CA SER A 367 15.37 8.43 12.74
C SER A 367 14.24 7.42 12.93
N ILE A 368 12.98 7.88 13.15
CA ILE A 368 11.84 6.97 13.29
C ILE A 368 11.35 6.56 11.88
N ASN A 369 11.00 5.27 11.67
CA ASN A 369 10.50 4.78 10.38
C ASN A 369 9.38 5.71 9.89
N PRO A 370 9.53 6.31 8.72
CA PRO A 370 8.56 7.30 8.22
C PRO A 370 7.14 6.77 8.16
N ASP A 371 6.97 5.52 7.77
CA ASP A 371 5.66 4.91 7.72
C ASP A 371 5.02 4.75 9.10
N GLU A 372 5.86 4.60 10.12
CA GLU A 372 5.39 4.42 11.51
C GLU A 372 5.34 5.64 12.46
N ALA A 373 5.99 6.74 12.10
CA ALA A 373 6.07 7.94 12.92
C ALA A 373 4.72 8.49 13.44
N VAL A 374 3.67 8.45 12.62
CA VAL A 374 2.34 8.91 13.02
C VAL A 374 1.74 7.97 14.06
N ALA A 375 1.87 6.64 13.83
CA ALA A 375 1.42 5.66 14.82
C ALA A 375 2.20 5.83 16.10
N TYR A 376 3.53 6.06 16.01
CA TYR A 376 4.47 6.28 17.13
C TYR A 376 3.99 7.43 18.05
N GLY A 377 3.75 8.61 17.47
CA GLY A 377 3.28 9.76 18.22
C GLY A 377 1.92 9.51 18.86
N ALA A 378 1.02 8.80 18.16
CA ALA A 378 -0.30 8.50 18.70
C ALA A 378 -0.24 7.46 19.86
N ALA A 379 0.79 6.59 19.83
CA ALA A 379 1.03 5.62 20.90
C ALA A 379 1.55 6.36 22.15
N VAL A 380 2.36 7.44 21.96
CA VAL A 380 2.88 8.26 23.08
C VAL A 380 1.69 9.01 23.72
N GLN A 381 0.83 9.59 22.89
CA GLN A 381 -0.35 10.30 23.33
C GLN A 381 -1.30 9.37 24.09
N ALA A 382 -1.62 8.18 23.54
CA ALA A 382 -2.50 7.20 24.20
C ALA A 382 -2.02 6.86 25.59
N ALA A 383 -0.67 6.68 25.75
CA ALA A 383 -0.05 6.37 27.04
C ALA A 383 -0.29 7.51 28.06
N ILE A 384 -0.11 8.73 27.61
CA ILE A 384 -0.30 9.91 28.43
C ILE A 384 -1.74 10.02 28.94
N LEU A 385 -2.69 9.58 28.13
CA LEU A 385 -4.10 9.64 28.47
C LEU A 385 -4.69 8.44 29.20
N SER A 386 -3.82 7.49 29.55
CA SER A 386 -4.26 6.30 30.27
C SER A 386 -4.31 6.56 31.77
N SER B 5 32.00 -24.96 -11.89
CA SER B 5 32.50 -25.09 -10.52
C SER B 5 31.38 -24.78 -9.53
N ASN B 6 30.44 -25.74 -9.39
CA ASN B 6 29.24 -25.73 -8.54
C ASN B 6 29.54 -25.11 -7.15
N SER B 7 28.79 -24.09 -6.76
CA SER B 7 29.02 -23.38 -5.48
C SER B 7 27.92 -23.65 -4.42
N PRO B 8 28.25 -23.54 -3.11
CA PRO B 8 27.20 -23.67 -2.08
C PRO B 8 26.19 -22.53 -2.20
N GLN B 9 26.63 -21.32 -2.60
CA GLN B 9 25.75 -20.13 -2.82
C GLN B 9 24.63 -20.47 -3.81
N GLU B 10 24.95 -21.26 -4.87
CA GLU B 10 23.97 -21.66 -5.89
C GLU B 10 22.94 -22.63 -5.31
N GLU B 11 23.35 -23.48 -4.35
CA GLU B 11 22.44 -24.45 -3.72
C GLU B 11 21.28 -23.81 -2.95
N VAL B 12 21.50 -22.60 -2.42
CA VAL B 12 20.50 -21.77 -1.72
C VAL B 12 19.46 -21.31 -2.74
N GLU B 13 19.90 -20.88 -3.94
CA GLU B 13 19.02 -20.44 -5.02
C GLU B 13 18.25 -21.63 -5.57
N LEU B 14 18.92 -22.82 -5.70
CA LEU B 14 18.24 -24.05 -6.15
C LEU B 14 17.18 -24.50 -5.13
N LYS B 15 17.47 -24.33 -3.82
CA LYS B 15 16.52 -24.63 -2.75
C LYS B 15 15.28 -23.73 -2.94
N LYS B 16 15.49 -22.40 -3.10
CA LYS B 16 14.43 -21.39 -3.35
C LYS B 16 13.55 -21.88 -4.50
N LEU B 17 14.16 -22.22 -5.65
CA LEU B 17 13.50 -22.75 -6.85
C LEU B 17 12.76 -24.05 -6.61
N LYS B 18 13.31 -24.96 -5.79
CA LYS B 18 12.63 -26.22 -5.42
C LYS B 18 11.36 -25.92 -4.62
N HIS B 19 11.40 -24.95 -3.72
CA HIS B 19 10.21 -24.59 -2.96
C HIS B 19 9.12 -24.02 -3.87
N LEU B 20 9.54 -23.21 -4.85
CA LEU B 20 8.66 -22.60 -5.84
C LEU B 20 8.13 -23.64 -6.81
N GLU B 21 8.89 -24.72 -7.09
CA GLU B 21 8.41 -25.80 -7.96
C GLU B 21 7.25 -26.54 -7.30
N LYS B 22 7.35 -26.79 -5.98
CA LYS B 22 6.33 -27.49 -5.18
C LYS B 22 5.06 -26.65 -5.20
N SER B 23 5.21 -25.35 -4.95
CA SER B 23 4.12 -24.40 -4.98
C SER B 23 3.43 -24.40 -6.33
N VAL B 24 4.21 -24.46 -7.46
CA VAL B 24 3.66 -24.55 -8.81
C VAL B 24 2.84 -25.86 -8.99
N GLU B 25 3.38 -27.01 -8.52
CA GLU B 25 2.69 -28.31 -8.60
C GLU B 25 1.30 -28.30 -7.93
N LYS B 26 1.22 -27.66 -6.72
CA LYS B 26 0.01 -27.51 -5.91
C LYS B 26 -1.05 -26.67 -6.60
N ILE B 27 -0.65 -25.53 -7.23
CA ILE B 27 -1.56 -24.67 -7.97
C ILE B 27 -1.99 -25.41 -9.25
N ALA B 28 -1.09 -26.19 -9.82
CA ALA B 28 -1.39 -26.98 -11.01
C ALA B 28 -2.50 -27.98 -10.69
N ASP B 29 -2.46 -28.56 -9.50
CA ASP B 29 -3.47 -29.52 -9.08
C ASP B 29 -4.84 -28.84 -9.00
N GLN B 30 -4.86 -27.60 -8.51
CA GLN B 30 -6.11 -26.85 -8.38
C GLN B 30 -6.71 -26.64 -9.77
N LEU B 31 -5.85 -26.34 -10.73
CA LEU B 31 -6.26 -26.11 -12.12
C LEU B 31 -6.94 -27.36 -12.67
N GLU B 32 -6.34 -28.52 -12.42
CA GLU B 32 -6.89 -29.80 -12.86
C GLU B 32 -8.27 -30.03 -12.23
N GLU B 33 -8.39 -29.79 -10.93
CA GLU B 33 -9.68 -29.85 -10.24
C GLU B 33 -10.73 -28.90 -10.87
N LEU B 34 -10.31 -27.67 -11.26
CA LEU B 34 -11.20 -26.69 -11.90
C LEU B 34 -11.61 -27.14 -13.28
N ASN B 35 -10.71 -27.87 -13.97
CA ASN B 35 -11.00 -28.46 -15.28
C ASN B 35 -12.02 -29.57 -15.07
N LYS B 36 -11.87 -30.38 -14.02
CA LYS B 36 -12.81 -31.46 -13.70
C LYS B 36 -14.16 -30.90 -13.24
N GLU B 37 -14.16 -29.73 -12.57
CA GLU B 37 -15.40 -29.07 -12.14
C GLU B 37 -16.13 -28.49 -13.34
N LEU B 38 -15.38 -27.96 -14.31
CA LEU B 38 -15.89 -27.39 -15.55
C LEU B 38 -16.58 -28.49 -16.34
N THR B 39 -15.94 -29.66 -16.48
CA THR B 39 -16.53 -30.84 -17.16
C THR B 39 -17.86 -31.22 -16.51
N GLY B 40 -17.87 -31.17 -15.18
CA GLY B 40 -19.01 -31.45 -14.30
C GLY B 40 -20.23 -30.61 -14.62
N ILE B 41 -20.01 -29.29 -14.76
CA ILE B 41 -21.01 -28.26 -15.09
C ILE B 41 -21.51 -28.53 -16.50
N GLN B 42 -20.58 -28.71 -17.46
CA GLN B 42 -20.91 -29.00 -18.88
C GLN B 42 -21.73 -30.30 -19.05
N GLN B 43 -21.33 -31.40 -18.35
CA GLN B 43 -21.96 -32.72 -18.45
C GLN B 43 -23.12 -33.00 -17.48
N GLY B 44 -23.40 -32.06 -16.58
CA GLY B 44 -24.45 -32.23 -15.58
C GLY B 44 -25.82 -31.72 -15.99
N PHE B 45 -26.77 -31.83 -15.05
CA PHE B 45 -28.16 -31.43 -15.29
C PHE B 45 -28.54 -30.00 -14.83
N LEU B 46 -27.56 -29.07 -14.71
CA LEU B 46 -27.91 -27.72 -14.27
C LEU B 46 -28.69 -26.95 -15.35
N PRO B 47 -29.79 -26.23 -14.98
CA PRO B 47 -30.48 -25.40 -15.98
C PRO B 47 -29.66 -24.14 -16.27
N LYS B 48 -29.93 -23.43 -17.38
CA LYS B 48 -29.20 -22.24 -17.84
C LYS B 48 -28.76 -21.29 -16.73
N ASP B 49 -29.70 -20.83 -15.89
CA ASP B 49 -29.45 -19.93 -14.77
C ASP B 49 -28.47 -20.48 -13.75
N LEU B 50 -28.66 -21.74 -13.28
CA LEU B 50 -27.74 -22.34 -12.31
C LEU B 50 -26.40 -22.70 -12.96
N GLN B 51 -26.38 -22.98 -14.28
CA GLN B 51 -25.14 -23.22 -15.03
C GLN B 51 -24.32 -21.92 -15.01
N ALA B 52 -25.00 -20.77 -15.23
CA ALA B 52 -24.38 -19.44 -15.24
C ALA B 52 -23.82 -19.12 -13.87
N GLU B 53 -24.56 -19.42 -12.79
CA GLU B 53 -24.11 -19.22 -11.40
C GLU B 53 -22.86 -20.08 -11.09
N ALA B 54 -22.90 -21.40 -11.43
CA ALA B 54 -21.81 -22.35 -11.21
C ALA B 54 -20.50 -21.96 -11.94
N LEU B 55 -20.57 -21.63 -13.26
CA LEU B 55 -19.42 -21.20 -14.07
C LEU B 55 -18.85 -19.87 -13.56
N CYS B 56 -19.68 -19.05 -12.92
CA CYS B 56 -19.16 -17.79 -12.38
C CYS B 56 -18.40 -18.07 -11.08
N LYS B 57 -18.86 -19.05 -10.29
CA LYS B 57 -18.14 -19.41 -9.06
C LYS B 57 -16.78 -20.01 -9.48
N LEU B 58 -16.78 -20.75 -10.61
CA LEU B 58 -15.60 -21.35 -11.21
C LEU B 58 -14.69 -20.27 -11.80
N ASP B 59 -15.28 -19.20 -12.38
CA ASP B 59 -14.55 -18.03 -12.92
C ASP B 59 -13.73 -17.38 -11.81
N ARG B 60 -14.32 -17.25 -10.63
CA ARG B 60 -13.67 -16.67 -9.47
C ARG B 60 -12.50 -17.55 -9.02
N ARG B 61 -12.72 -18.88 -9.02
CA ARG B 61 -11.70 -19.86 -8.67
C ARG B 61 -10.55 -19.86 -9.69
N VAL B 62 -10.85 -19.65 -10.99
CA VAL B 62 -9.80 -19.61 -12.04
C VAL B 62 -9.04 -18.28 -11.93
N LYS B 63 -9.71 -17.16 -11.54
CA LYS B 63 -8.99 -15.87 -11.37
C LYS B 63 -8.00 -15.99 -10.20
N ALA B 64 -8.41 -16.69 -9.13
CA ALA B 64 -7.59 -16.98 -7.97
C ALA B 64 -6.38 -17.80 -8.33
N THR B 65 -6.58 -18.79 -9.21
CA THR B 65 -5.51 -19.62 -9.70
C THR B 65 -4.50 -18.80 -10.51
N ILE B 66 -5.01 -17.90 -11.34
CA ILE B 66 -4.15 -17.03 -12.14
C ILE B 66 -3.32 -16.12 -11.24
N GLU B 67 -3.97 -15.58 -10.21
CA GLU B 67 -3.30 -14.70 -9.26
C GLU B 67 -2.21 -15.46 -8.51
N GLN B 68 -2.47 -16.71 -8.16
CA GLN B 68 -1.46 -17.53 -7.46
C GLN B 68 -0.26 -17.78 -8.39
N PHE B 69 -0.51 -18.07 -9.69
CA PHE B 69 0.56 -18.21 -10.69
C PHE B 69 1.33 -16.89 -10.87
N MET B 70 0.62 -15.72 -10.91
CA MET B 70 1.27 -14.42 -11.06
C MET B 70 2.14 -14.11 -9.85
N LYS B 71 1.69 -14.50 -8.62
CA LYS B 71 2.52 -14.27 -7.45
C LYS B 71 3.77 -15.19 -7.47
N ILE B 72 3.69 -16.40 -8.07
CA ILE B 72 4.84 -17.32 -8.23
C ILE B 72 5.85 -16.63 -9.13
N LEU B 73 5.36 -16.09 -10.25
CA LEU B 73 6.20 -15.33 -11.20
C LEU B 73 6.90 -14.17 -10.52
N GLU B 74 6.15 -13.43 -9.70
CA GLU B 74 6.65 -12.31 -8.95
C GLU B 74 7.75 -12.71 -7.94
N GLU B 75 7.64 -13.92 -7.33
CA GLU B 75 8.69 -14.45 -6.43
C GLU B 75 9.95 -14.85 -7.23
N ILE B 76 9.75 -15.53 -8.36
CA ILE B 76 10.86 -15.92 -9.20
C ILE B 76 11.62 -14.68 -9.70
N ASP B 77 10.90 -13.62 -10.03
CA ASP B 77 11.48 -12.36 -10.51
C ASP B 77 12.34 -11.59 -9.46
N THR B 78 12.48 -12.13 -8.21
CA THR B 78 13.35 -11.53 -7.19
C THR B 78 14.74 -12.15 -7.31
N LEU B 79 14.83 -13.29 -7.99
CA LEU B 79 16.11 -13.94 -8.14
C LEU B 79 17.10 -13.23 -9.04
N ILE B 80 18.35 -13.23 -8.61
CA ILE B 80 19.44 -12.67 -9.38
C ILE B 80 20.42 -13.83 -9.43
N LEU B 81 20.70 -14.33 -10.61
CA LEU B 81 21.61 -15.45 -10.72
C LEU B 81 22.70 -15.08 -11.70
N PRO B 82 23.94 -15.02 -11.25
CA PRO B 82 25.02 -14.67 -12.20
C PRO B 82 25.16 -15.73 -13.30
N GLU B 83 25.98 -15.44 -14.31
CA GLU B 83 26.19 -16.29 -15.46
C GLU B 83 26.68 -17.67 -15.05
N ASN B 84 27.52 -17.73 -14.04
CA ASN B 84 28.07 -18.99 -13.55
C ASN B 84 27.01 -19.93 -12.99
N PHE B 85 25.87 -19.39 -12.55
CA PHE B 85 24.80 -20.22 -11.99
C PHE B 85 23.92 -20.78 -13.13
N LYS B 86 24.54 -21.64 -13.94
CA LYS B 86 23.92 -22.30 -15.09
C LYS B 86 22.77 -23.23 -14.71
N ASP B 87 22.94 -24.02 -13.66
CA ASP B 87 21.89 -24.94 -13.25
C ASP B 87 20.68 -24.19 -12.71
N SER B 88 20.90 -23.13 -11.94
CA SER B 88 19.87 -22.24 -11.39
C SER B 88 19.13 -21.50 -12.54
N ARG B 89 19.88 -20.98 -13.52
CA ARG B 89 19.29 -20.22 -14.64
C ARG B 89 18.41 -21.10 -15.49
N LEU B 90 18.83 -22.36 -15.73
CA LEU B 90 18.06 -23.33 -16.52
C LEU B 90 16.80 -23.75 -15.76
N LYS B 91 16.93 -24.00 -14.46
CA LYS B 91 15.76 -24.36 -13.67
C LYS B 91 14.75 -23.21 -13.59
N ARG B 92 15.25 -21.99 -13.42
CA ARG B 92 14.41 -20.80 -13.34
C ARG B 92 13.60 -20.58 -14.65
N LYS B 93 14.25 -20.73 -15.83
CA LYS B 93 13.65 -20.58 -17.16
C LYS B 93 12.62 -21.67 -17.40
N GLY B 94 12.96 -22.93 -17.06
CA GLY B 94 12.03 -24.06 -17.18
C GLY B 94 10.79 -23.87 -16.33
N LEU B 95 10.95 -23.37 -15.10
CA LEU B 95 9.86 -23.14 -14.15
C LEU B 95 8.95 -22.02 -14.64
N VAL B 96 9.52 -20.89 -15.13
CA VAL B 96 8.78 -19.79 -15.73
C VAL B 96 7.96 -20.26 -16.99
N LYS B 97 8.56 -21.05 -17.90
CA LYS B 97 7.87 -21.55 -19.11
C LYS B 97 6.72 -22.49 -18.72
N LYS B 98 6.91 -23.25 -17.62
CA LYS B 98 5.92 -24.21 -17.10
C LYS B 98 4.69 -23.45 -16.58
N VAL B 99 4.92 -22.35 -15.82
CA VAL B 99 3.85 -21.48 -15.27
C VAL B 99 3.12 -20.77 -16.40
N GLN B 100 3.87 -20.28 -17.40
CA GLN B 100 3.27 -19.61 -18.56
C GLN B 100 2.35 -20.54 -19.36
N ALA B 101 2.68 -21.85 -19.43
CA ALA B 101 1.85 -22.84 -20.13
C ALA B 101 0.58 -23.08 -19.31
N PHE B 102 0.68 -23.08 -17.98
CA PHE B 102 -0.44 -23.17 -17.03
C PHE B 102 -1.35 -21.93 -17.08
N LEU B 103 -0.78 -20.72 -17.11
CA LEU B 103 -1.53 -19.45 -17.27
C LEU B 103 -2.30 -19.47 -18.61
N ALA B 104 -1.69 -20.00 -19.72
CA ALA B 104 -2.37 -20.12 -21.03
C ALA B 104 -3.59 -21.05 -20.91
N GLU B 105 -3.45 -22.18 -20.17
CA GLU B 105 -4.58 -23.11 -19.91
C GLU B 105 -5.63 -22.44 -19.04
N CYS B 106 -5.22 -21.58 -18.06
CA CYS B 106 -6.18 -20.84 -17.20
C CYS B 106 -7.03 -19.92 -18.07
N ASP B 107 -6.35 -19.21 -18.99
CA ASP B 107 -6.94 -18.27 -19.94
C ASP B 107 -7.94 -18.93 -20.84
N THR B 108 -7.66 -20.15 -21.28
CA THR B 108 -8.59 -20.90 -22.14
C THR B 108 -9.94 -21.09 -21.44
N VAL B 109 -9.89 -21.40 -20.15
CA VAL B 109 -11.05 -21.58 -19.29
C VAL B 109 -11.67 -20.21 -18.98
N GLU B 110 -10.86 -19.29 -18.40
CA GLU B 110 -11.26 -17.95 -17.94
C GLU B 110 -11.90 -17.10 -19.02
N GLN B 111 -11.27 -17.01 -20.20
CA GLN B 111 -11.80 -16.19 -21.29
C GLN B 111 -13.13 -16.69 -21.85
N ASN B 112 -13.43 -17.99 -21.69
CA ASN B 112 -14.60 -18.60 -22.27
C ASN B 112 -15.78 -18.94 -21.29
N ILE B 113 -15.69 -18.55 -20.03
CA ILE B 113 -16.78 -18.79 -19.09
C ILE B 113 -17.13 -17.52 -18.33
N CYS B 114 -18.39 -17.36 -17.97
CA CYS B 114 -18.84 -16.20 -17.21
C CYS B 114 -18.24 -14.88 -17.74
PB GDP C . 0.60 5.85 2.29
O1B GDP C . 0.54 5.11 0.99
O2B GDP C . -0.69 5.71 3.13
O3B GDP C . 0.84 7.37 2.11
O3A GDP C . 1.78 5.24 3.19
PA GDP C . 3.35 5.00 3.08
O1A GDP C . 4.02 5.95 3.98
O2A GDP C . 3.65 3.61 3.64
O5' GDP C . 3.90 5.01 1.53
C5' GDP C . 4.06 3.87 0.66
C4' GDP C . 5.13 4.13 -0.38
O4' GDP C . 6.43 4.24 0.26
C3' GDP C . 5.26 3.06 -1.47
O3' GDP C . 5.15 3.60 -2.78
C2' GDP C . 6.66 2.45 -1.23
O2' GDP C . 7.29 2.04 -2.43
C1' GDP C . 7.39 3.63 -0.59
N9 GDP C . 8.57 3.25 0.21
C8 GDP C . 8.62 2.52 1.37
N7 GDP C . 9.84 2.22 1.76
C5 GDP C . 10.66 2.76 0.78
C6 GDP C . 12.11 2.75 0.60
O6 GDP C . 12.95 2.13 1.26
N1 GDP C . 12.50 3.47 -0.51
C2 GDP C . 11.66 4.09 -1.38
N2 GDP C . 12.20 4.59 -2.49
N3 GDP C . 10.32 4.12 -1.24
C4 GDP C . 9.89 3.44 -0.16
C1 GOL D . 3.18 -13.43 -17.78
O1 GOL D . 3.60 -14.76 -18.01
C2 GOL D . 3.85 -12.46 -18.73
O2 GOL D . 5.25 -12.34 -18.45
C3 GOL D . 3.68 -12.96 -20.14
O3 GOL D . 2.46 -12.49 -20.62
C1 GOL E . 1.09 -16.01 -20.15
O1 GOL E . 1.36 -17.27 -20.76
C2 GOL E . -0.06 -15.31 -20.85
O2 GOL E . -0.01 -15.57 -22.26
C3 GOL E . 0.06 -13.82 -20.59
O3 GOL E . -0.63 -13.02 -21.55
C1 GOL F . -18.03 3.71 -9.19
O1 GOL F . -17.50 3.93 -7.90
C2 GOL F . -18.89 4.89 -9.60
O2 GOL F . -20.12 4.87 -8.86
C3 GOL F . -19.18 4.91 -11.09
O3 GOL F . -19.79 6.14 -11.46
C TRS G . -0.01 8.92 6.43
C1 TRS G . 0.75 9.42 7.68
C2 TRS G . -1.07 7.88 6.81
C3 TRS G . 0.95 8.33 5.40
N TRS G . -0.69 10.11 5.81
O1 TRS G . 1.59 8.42 8.23
O2 TRS G . -2.20 8.46 7.45
O3 TRS G . 2.06 9.18 5.11
S DMS H . 5.80 -6.86 17.24
O DMS H . 4.33 -6.86 17.13
C1 DMS H . 6.22 -5.62 18.43
C2 DMS H . 6.43 -6.05 15.79
PB GDP I . 12.16 -29.80 4.10
O1B GDP I . 11.15 -28.71 4.34
O2B GDP I . 11.89 -30.60 2.80
O3B GDP I . 12.24 -30.79 5.26
O3A GDP I . 13.61 -29.15 3.96
PA GDP I . 14.16 -27.91 3.12
O1A GDP I . 13.64 -26.64 3.69
O2A GDP I . 15.68 -27.92 3.21
O5' GDP I . 13.67 -28.26 1.63
C5' GDP I . 14.18 -27.77 0.36
C4' GDP I . 14.27 -28.88 -0.67
O4' GDP I . 15.53 -28.80 -1.35
C3' GDP I . 14.19 -30.32 -0.17
O3' GDP I . 13.76 -31.20 -1.18
C2' GDP I . 15.64 -30.60 0.19
O2' GDP I . 15.96 -31.98 0.21
C1' GDP I . 16.37 -29.86 -0.95
N9 GDP I . 17.66 -29.29 -0.53
C8 GDP I . 18.14 -29.11 0.74
N7 GDP I . 19.36 -28.65 0.77
C5 GDP I . 19.71 -28.52 -0.56
C6 GDP I . 20.88 -28.05 -1.16
O6 GDP I . 21.95 -27.82 -0.58
N1 GDP I . 20.79 -27.96 -2.54
C2 GDP I . 19.69 -28.32 -3.27
N2 GDP I . 19.79 -28.23 -4.60
N3 GDP I . 18.58 -28.80 -2.72
C4 GDP I . 18.66 -28.88 -1.37
#